data_5IY2
#
_entry.id   5IY2
#
_cell.length_a   40.955
_cell.length_b   62.333
_cell.length_c   87.093
_cell.angle_alpha   90.00
_cell.angle_beta   91.72
_cell.angle_gamma   90.00
#
_symmetry.space_group_name_H-M   'P 1 21 1'
#
loop_
_entity.id
_entity.type
_entity.pdbx_description
1 polymer 'Beta-lactamase OXA-143'
2 non-polymer GLYCEROL
3 water water
#
_entity_poly.entity_id   1
_entity_poly.type   'polypeptide(L)'
_entity_poly.pdbx_seq_one_letter_code
;NQQHEKAIKSYFDEAQTQGVIIIKKGKNISTYGNNLTRAHTEYVPASTF(KCX)MLNALIGLENHKATTTEIFKWDGKKR
SYPMWEKDMTLGDAMALSAVPVYQELARRTGLDLMQKEVKRVGFGNMNIGTQVDNFWLVGPLKITPIQEVNFADDFANNR
LPFKLETQEEVKKMLLIKEFNGSKIYAKSGWGMDVTPQVGWLTGWVEKSNGEKVAFSLNIEMKQGMPGSIRNEITYKSLE
NLGII
;
_entity_poly.pdbx_strand_id   A,B
#
loop_
_chem_comp.id
_chem_comp.type
_chem_comp.name
_chem_comp.formula
GOL non-polymer GLYCEROL 'C3 H8 O3'
#
# COMPACT_ATOMS: atom_id res chain seq x y z
N ASN A 1 7.24 32.04 30.26
CA ASN A 1 6.49 30.93 29.67
C ASN A 1 5.38 31.41 28.75
N GLN A 2 4.60 32.38 29.23
CA GLN A 2 3.49 32.90 28.43
C GLN A 2 3.97 33.42 27.08
N GLN A 3 5.11 34.12 27.05
CA GLN A 3 5.61 34.66 25.80
C GLN A 3 6.06 33.56 24.84
N HIS A 4 6.78 32.55 25.34
CA HIS A 4 7.16 31.41 24.50
C HIS A 4 5.93 30.66 24.02
N GLU A 5 4.96 30.45 24.91
CA GLU A 5 3.77 29.70 24.54
C GLU A 5 3.01 30.41 23.42
N LYS A 6 2.88 31.73 23.53
CA LYS A 6 2.17 32.49 22.50
CA LYS A 6 2.17 32.47 22.49
C LYS A 6 2.93 32.48 21.18
N ALA A 7 4.26 32.60 21.23
CA ALA A 7 5.06 32.61 20.01
C ALA A 7 4.99 31.27 19.30
N ILE A 8 5.19 30.18 20.04
CA ILE A 8 5.17 28.87 19.39
C ILE A 8 3.79 28.53 18.86
N LYS A 9 2.74 28.83 19.63
CA LYS A 9 1.38 28.73 19.10
C LYS A 9 1.25 29.45 17.77
N SER A 10 1.84 30.65 17.67
CA SER A 10 1.71 31.44 16.45
C SER A 10 2.37 30.77 15.25
N TYR A 11 3.41 29.95 15.47
CA TYR A 11 4.05 29.28 14.34
C TYR A 11 3.12 28.22 13.75
N PHE A 12 2.34 27.54 14.60
CA PHE A 12 1.34 26.61 14.09
C PHE A 12 0.18 27.34 13.43
N ASP A 13 -0.27 28.46 14.04
CA ASP A 13 -1.34 29.23 13.43
C ASP A 13 -0.91 29.77 12.06
N GLU A 14 0.34 30.21 11.94
CA GLU A 14 0.85 30.70 10.67
C GLU A 14 0.84 29.60 9.61
N ALA A 15 1.11 28.37 10.02
CA ALA A 15 1.09 27.21 9.14
C ALA A 15 -0.33 26.78 8.78
N GLN A 16 -1.33 27.38 9.41
N GLN A 16 -1.35 27.39 9.39
CA GLN A 16 -2.74 27.14 9.10
CA GLN A 16 -2.75 27.11 9.06
C GLN A 16 -3.12 25.67 9.29
C GLN A 16 -3.12 25.65 9.30
N THR A 17 -2.60 25.07 10.37
CA THR A 17 -2.96 23.72 10.76
C THR A 17 -2.89 23.60 12.27
N GLN A 18 -3.32 22.44 12.77
CA GLN A 18 -3.27 22.15 14.20
C GLN A 18 -2.07 21.28 14.52
N GLY A 19 -1.40 21.59 15.62
CA GLY A 19 -0.23 20.81 15.98
C GLY A 19 0.29 21.14 17.37
N VAL A 20 1.27 20.33 17.78
CA VAL A 20 2.02 20.54 19.00
C VAL A 20 3.49 20.32 18.70
N ILE A 21 4.33 20.90 19.55
CA ILE A 21 5.72 20.46 19.67
C ILE A 21 6.00 20.24 21.16
N ILE A 22 6.50 19.05 21.49
CA ILE A 22 6.88 18.70 22.85
C ILE A 22 8.38 18.88 22.96
N ILE A 23 8.83 19.45 24.07
CA ILE A 23 10.24 19.73 24.33
C ILE A 23 10.61 19.06 25.64
N LYS A 24 11.73 18.34 25.65
CA LYS A 24 12.19 17.71 26.89
C LYS A 24 13.59 18.22 27.20
N LYS A 25 13.72 18.97 28.29
CA LYS A 25 14.98 19.49 28.79
C LYS A 25 15.23 18.82 30.13
N GLY A 26 16.22 17.94 30.18
CA GLY A 26 16.51 17.28 31.44
C GLY A 26 15.32 16.50 31.94
N LYS A 27 14.93 16.76 33.19
CA LYS A 27 13.84 16.03 33.83
CA LYS A 27 13.83 16.01 33.81
C LYS A 27 12.46 16.58 33.49
N ASN A 28 12.38 17.65 32.68
CA ASN A 28 11.14 18.41 32.52
C ASN A 28 10.65 18.41 31.08
N ILE A 29 9.37 18.10 30.92
CA ILE A 29 8.69 18.10 29.63
CA ILE A 29 8.70 18.11 29.62
C ILE A 29 7.81 19.33 29.53
N SER A 30 7.80 19.98 28.37
CA SER A 30 6.93 21.13 28.10
C SER A 30 6.19 20.90 26.80
N THR A 31 4.92 21.30 26.77
CA THR A 31 4.06 21.13 25.60
C THR A 31 3.71 22.50 25.06
N TYR A 32 3.90 22.69 23.75
CA TYR A 32 3.57 23.93 23.07
C TYR A 32 2.74 23.61 21.84
N GLY A 33 2.03 24.60 21.32
CA GLY A 33 1.30 24.43 20.08
C GLY A 33 -0.02 25.17 20.10
N ASN A 34 -0.85 24.89 19.10
CA ASN A 34 -2.17 25.49 19.03
C ASN A 34 -3.31 24.50 19.25
N ASN A 35 -3.02 23.21 19.40
CA ASN A 35 -4.04 22.27 19.85
C ASN A 35 -3.36 21.31 20.82
N LEU A 36 -3.33 21.70 22.08
CA LEU A 36 -2.54 20.98 23.08
C LEU A 36 -3.07 19.57 23.33
N THR A 37 -4.34 19.30 23.01
CA THR A 37 -4.87 17.96 23.20
C THR A 37 -4.17 16.92 22.33
N ARG A 38 -3.49 17.34 21.27
CA ARG A 38 -2.74 16.40 20.45
C ARG A 38 -1.61 15.72 21.23
N ALA A 39 -1.12 16.36 22.30
CA ALA A 39 0.06 15.85 23.01
C ALA A 39 -0.18 14.45 23.58
N HIS A 40 -1.42 14.16 24.00
CA HIS A 40 -1.78 12.85 24.53
C HIS A 40 -2.67 12.04 23.59
N THR A 41 -2.74 12.44 22.32
CA THR A 41 -3.49 11.69 21.32
C THR A 41 -2.55 10.75 20.58
N GLU A 42 -3.02 9.51 20.36
CA GLU A 42 -2.23 8.53 19.64
CA GLU A 42 -2.28 8.47 19.64
C GLU A 42 -2.38 8.70 18.13
N TYR A 43 -1.25 8.57 17.43
CA TYR A 43 -1.21 8.62 15.97
C TYR A 43 -0.29 7.51 15.47
N VAL A 44 -0.47 7.09 14.22
CA VAL A 44 0.52 6.14 13.69
C VAL A 44 1.89 6.81 13.69
N PRO A 45 2.97 6.06 13.95
CA PRO A 45 4.30 6.68 13.98
C PRO A 45 4.81 7.00 12.59
N ALA A 46 4.26 6.36 11.55
CA ALA A 46 4.77 6.50 10.20
C ALA A 46 6.28 6.27 10.20
N SER A 47 7.01 6.98 9.35
CA SER A 47 8.47 6.70 9.22
C SER A 47 9.29 7.00 10.51
N THR A 48 8.73 7.66 11.53
CA THR A 48 9.50 7.76 12.77
C THR A 48 9.83 6.38 13.32
N PHE A 49 9.03 5.36 13.00
CA PHE A 49 9.31 4.01 13.44
C PHE A 49 10.63 3.47 12.90
N KCX A 50 11.14 4.02 11.80
CA KCX A 50 12.40 3.54 11.24
CB KCX A 50 12.81 4.32 9.99
CG KCX A 50 11.98 4.00 8.76
CD KCX A 50 12.53 4.66 7.49
CE KCX A 50 11.78 4.15 6.22
NZ KCX A 50 10.38 4.59 6.24
C KCX A 50 13.53 3.59 12.28
O KCX A 50 14.43 2.76 12.22
CX KCX A 50 9.39 3.81 6.68
OQ1 KCX A 50 8.22 4.26 6.74
OQ2 KCX A 50 9.62 2.62 7.03
N MET A 51 13.48 4.54 13.21
CA MET A 51 14.49 4.59 14.25
C MET A 51 14.51 3.27 15.05
N LEU A 52 13.33 2.83 15.48
CA LEU A 52 13.24 1.62 16.29
C LEU A 52 13.43 0.37 15.44
N ASN A 53 12.90 0.37 14.21
CA ASN A 53 13.13 -0.75 13.29
C ASN A 53 14.63 -0.99 13.12
N ALA A 54 15.40 0.07 12.88
CA ALA A 54 16.84 -0.04 12.72
C ALA A 54 17.52 -0.56 13.98
N LEU A 55 17.16 -0.01 15.15
CA LEU A 55 17.76 -0.49 16.40
C LEU A 55 17.53 -1.98 16.58
N ILE A 56 16.29 -2.44 16.37
CA ILE A 56 15.95 -3.84 16.54
C ILE A 56 16.71 -4.71 15.54
N GLY A 57 16.77 -4.29 14.28
CA GLY A 57 17.40 -5.12 13.27
C GLY A 57 18.90 -5.23 13.47
N LEU A 58 19.55 -4.14 13.86
CA LEU A 58 20.99 -4.21 14.13
C LEU A 58 21.28 -5.02 15.39
N GLU A 59 20.51 -4.81 16.45
CA GLU A 59 20.76 -5.49 17.70
C GLU A 59 20.65 -7.01 17.54
N ASN A 60 19.70 -7.47 16.74
CA ASN A 60 19.42 -8.89 16.55
CA ASN A 60 19.47 -8.90 16.58
C ASN A 60 20.18 -9.49 15.37
N HIS A 61 21.20 -8.78 14.86
CA HIS A 61 22.08 -9.31 13.82
C HIS A 61 21.35 -9.61 12.52
N LYS A 62 20.31 -8.83 12.22
CA LYS A 62 19.58 -8.99 10.98
C LYS A 62 20.11 -8.10 9.87
N ALA A 63 21.02 -7.19 10.20
CA ALA A 63 21.60 -6.28 9.22
C ALA A 63 22.87 -5.70 9.84
N THR A 64 23.63 -4.97 9.03
CA THR A 64 24.69 -4.10 9.52
C THR A 64 24.58 -2.76 8.83
N THR A 65 25.37 -1.80 9.30
CA THR A 65 25.36 -0.45 8.72
C THR A 65 26.05 -0.39 7.36
N THR A 66 26.87 -1.38 7.00
CA THR A 66 27.54 -1.37 5.70
C THR A 66 26.87 -2.29 4.70
N GLU A 67 25.93 -3.14 5.14
CA GLU A 67 25.22 -4.03 4.24
C GLU A 67 24.49 -3.24 3.16
N ILE A 68 24.56 -3.73 1.93
CA ILE A 68 23.83 -3.14 0.82
C ILE A 68 22.54 -3.92 0.61
N PHE A 69 21.41 -3.24 0.77
CA PHE A 69 20.10 -3.81 0.46
C PHE A 69 19.84 -3.63 -1.04
N LYS A 70 19.76 -4.75 -1.76
CA LYS A 70 19.67 -4.67 -3.21
C LYS A 70 18.23 -4.45 -3.65
N TRP A 71 18.04 -3.63 -4.67
CA TRP A 71 16.73 -3.52 -5.29
C TRP A 71 16.42 -4.81 -6.03
N ASP A 72 15.18 -5.28 -5.90
CA ASP A 72 14.71 -6.51 -6.52
C ASP A 72 13.97 -6.29 -7.82
N GLY A 73 13.98 -5.06 -8.35
CA GLY A 73 13.30 -4.75 -9.58
C GLY A 73 11.83 -4.45 -9.47
N LYS A 74 11.23 -4.61 -8.28
CA LYS A 74 9.82 -4.32 -8.14
C LYS A 74 9.59 -2.82 -8.06
N LYS A 75 8.45 -2.39 -8.59
CA LYS A 75 8.13 -0.98 -8.66
C LYS A 75 8.08 -0.38 -7.27
N ARG A 76 8.79 0.72 -7.07
CA ARG A 76 8.74 1.46 -5.80
C ARG A 76 8.05 2.79 -6.02
N SER A 77 7.68 3.45 -4.92
CA SER A 77 6.87 4.66 -5.04
C SER A 77 7.63 5.80 -5.71
N TYR A 78 8.96 5.84 -5.57
CA TYR A 78 9.78 6.89 -6.15
C TYR A 78 10.89 6.23 -6.96
N PRO A 79 11.15 6.70 -8.18
CA PRO A 79 12.29 6.15 -8.93
C PRO A 79 13.61 6.22 -8.19
N MET A 80 13.81 7.26 -7.36
CA MET A 80 15.03 7.35 -6.56
C MET A 80 15.26 6.11 -5.71
N TRP A 81 14.18 5.47 -5.25
CA TRP A 81 14.32 4.32 -4.38
C TRP A 81 14.67 3.04 -5.13
N GLU A 82 14.63 3.07 -6.45
CA GLU A 82 14.88 1.86 -7.25
C GLU A 82 16.38 1.72 -7.49
N LYS A 83 17.08 1.41 -6.40
CA LYS A 83 18.53 1.31 -6.40
C LYS A 83 18.95 0.52 -5.17
N ASP A 84 20.18 0.01 -5.20
CA ASP A 84 20.76 -0.62 -4.02
C ASP A 84 21.15 0.46 -3.02
N MET A 85 20.94 0.21 -1.73
CA MET A 85 21.30 1.23 -0.74
C MET A 85 21.47 0.62 0.65
N THR A 86 22.10 1.39 1.54
CA THR A 86 22.28 0.97 2.93
C THR A 86 21.08 1.40 3.79
N LEU A 87 21.07 0.90 5.03
CA LEU A 87 20.06 1.34 5.99
C LEU A 87 20.13 2.86 6.20
N GLY A 88 21.34 3.42 6.25
CA GLY A 88 21.47 4.86 6.44
C GLY A 88 20.98 5.65 5.24
N ASP A 89 21.28 5.16 4.02
CA ASP A 89 20.72 5.80 2.84
C ASP A 89 19.21 5.80 2.92
N ALA A 90 18.62 4.65 3.25
CA ALA A 90 17.17 4.53 3.29
C ALA A 90 16.55 5.37 4.39
N MET A 91 17.28 5.53 5.51
CA MET A 91 16.78 6.37 6.59
C MET A 91 16.59 7.80 6.11
N ALA A 92 17.61 8.36 5.45
CA ALA A 92 17.54 9.74 5.01
C ALA A 92 16.47 9.95 3.94
N LEU A 93 16.23 8.94 3.10
CA LEU A 93 15.21 9.01 2.05
C LEU A 93 13.83 8.59 2.53
N SER A 94 13.73 8.07 3.75
CA SER A 94 12.51 7.43 4.24
CA SER A 94 12.49 7.44 4.22
C SER A 94 12.03 6.34 3.27
N ALA A 95 12.99 5.55 2.76
CA ALA A 95 12.70 4.52 1.75
C ALA A 95 12.09 3.29 2.42
N VAL A 96 10.76 3.34 2.54
CA VAL A 96 10.02 2.29 3.24
CA VAL A 96 9.97 2.29 3.20
C VAL A 96 10.33 0.87 2.77
N PRO A 97 10.49 0.57 1.47
CA PRO A 97 10.70 -0.85 1.11
C PRO A 97 11.92 -1.48 1.75
N VAL A 98 13.00 -0.70 1.96
CA VAL A 98 14.18 -1.24 2.62
C VAL A 98 13.86 -1.63 4.06
N TYR A 99 13.09 -0.78 4.74
CA TYR A 99 12.71 -1.06 6.13
C TYR A 99 11.65 -2.15 6.24
N GLN A 100 10.83 -2.33 5.20
CA GLN A 100 9.95 -3.51 5.16
C GLN A 100 10.77 -4.78 5.05
N GLU A 101 11.80 -4.77 4.20
CA GLU A 101 12.68 -5.94 4.11
CA GLU A 101 12.69 -5.93 4.10
C GLU A 101 13.34 -6.24 5.45
N LEU A 102 13.81 -5.21 6.14
CA LEU A 102 14.40 -5.42 7.46
C LEU A 102 13.37 -5.99 8.44
N ALA A 103 12.16 -5.43 8.45
CA ALA A 103 11.12 -5.92 9.35
C ALA A 103 10.81 -7.40 9.09
N ARG A 104 10.81 -7.81 7.83
CA ARG A 104 10.53 -9.20 7.52
C ARG A 104 11.63 -10.13 8.01
N ARG A 105 12.89 -9.67 8.00
CA ARG A 105 13.98 -10.47 8.58
C ARG A 105 13.77 -10.65 10.08
N THR A 106 13.46 -9.55 10.76
CA THR A 106 13.20 -9.63 12.19
C THR A 106 12.04 -10.59 12.48
N GLY A 107 10.97 -10.47 11.71
CA GLY A 107 9.82 -11.35 11.84
C GLY A 107 8.85 -10.87 12.91
N LEU A 108 7.60 -11.34 12.78
CA LEU A 108 6.51 -10.83 13.60
C LEU A 108 6.76 -11.07 15.07
N ASP A 109 7.14 -12.29 15.45
CA ASP A 109 7.22 -12.63 16.86
C ASP A 109 8.29 -11.80 17.57
N LEU A 110 9.50 -11.76 17.00
CA LEU A 110 10.57 -10.98 17.61
C LEU A 110 10.25 -9.48 17.57
N MET A 111 9.72 -8.99 16.46
CA MET A 111 9.36 -7.57 16.39
C MET A 111 8.37 -7.21 17.49
N GLN A 112 7.35 -8.05 17.70
CA GLN A 112 6.36 -7.76 18.73
C GLN A 112 6.99 -7.77 20.12
N LYS A 113 7.84 -8.76 20.39
CA LYS A 113 8.47 -8.82 21.71
C LYS A 113 9.34 -7.59 21.95
N GLU A 114 10.05 -7.13 20.91
CA GLU A 114 10.91 -5.96 21.04
C GLU A 114 10.10 -4.68 21.25
N VAL A 115 9.05 -4.48 20.44
CA VAL A 115 8.23 -3.28 20.59
C VAL A 115 7.61 -3.23 21.98
N LYS A 116 7.15 -4.37 22.48
CA LYS A 116 6.62 -4.42 23.84
C LYS A 116 7.70 -4.14 24.87
N ARG A 117 8.89 -4.73 24.69
CA ARG A 117 9.97 -4.54 25.66
C ARG A 117 10.40 -3.08 25.75
N VAL A 118 10.47 -2.40 24.60
CA VAL A 118 10.84 -0.99 24.57
C VAL A 118 9.71 -0.09 25.09
N GLY A 119 8.49 -0.60 25.12
CA GLY A 119 7.35 0.19 25.60
C GLY A 119 6.92 1.27 24.64
N PHE A 120 6.97 1.00 23.33
CA PHE A 120 6.76 2.02 22.31
C PHE A 120 5.27 2.17 22.02
N GLY A 121 4.71 3.33 22.39
CA GLY A 121 3.31 3.61 22.09
C GLY A 121 2.37 2.59 22.72
N ASN A 122 1.35 2.20 21.96
CA ASN A 122 0.38 1.21 22.43
C ASN A 122 0.90 -0.22 22.32
N MET A 123 2.12 -0.39 21.82
CA MET A 123 2.86 -1.64 21.86
C MET A 123 2.30 -2.76 21.00
N ASN A 124 1.33 -2.48 20.12
CA ASN A 124 0.74 -3.54 19.31
C ASN A 124 1.19 -3.41 17.86
N ILE A 125 1.83 -4.45 17.33
CA ILE A 125 2.17 -4.48 15.90
C ILE A 125 1.19 -5.29 15.07
N GLY A 126 0.26 -6.01 15.70
CA GLY A 126 -0.72 -6.75 14.93
C GLY A 126 -0.09 -7.95 14.23
N THR A 127 -0.60 -8.25 13.04
CA THR A 127 -0.27 -9.48 12.33
C THR A 127 0.39 -9.25 10.98
N GLN A 128 0.53 -8.00 10.54
CA GLN A 128 1.09 -7.65 9.23
C GLN A 128 2.44 -6.97 9.51
N VAL A 129 3.53 -7.74 9.40
CA VAL A 129 4.83 -7.30 9.88
C VAL A 129 5.42 -6.15 9.08
N ASP A 130 4.90 -5.88 7.89
CA ASP A 130 5.53 -4.92 6.99
C ASP A 130 4.73 -3.63 6.77
N ASN A 131 3.65 -3.40 7.50
CA ASN A 131 2.96 -2.12 7.34
C ASN A 131 2.41 -1.54 8.63
N PHE A 132 2.70 -2.14 9.79
CA PHE A 132 1.98 -1.78 11.01
C PHE A 132 2.29 -0.37 11.49
N TRP A 133 3.42 0.20 11.10
CA TRP A 133 3.77 1.55 11.50
C TRP A 133 3.15 2.61 10.59
N LEU A 134 2.64 2.20 9.43
CA LEU A 134 2.04 3.09 8.46
C LEU A 134 0.55 3.24 8.67
N VAL A 135 -0.14 2.14 8.98
CA VAL A 135 -1.60 2.13 8.99
C VAL A 135 -2.18 1.67 10.32
N GLY A 136 -1.33 1.38 11.30
CA GLY A 136 -1.79 0.78 12.53
C GLY A 136 -1.57 -0.72 12.45
N PRO A 137 -1.76 -1.42 13.57
CA PRO A 137 -2.37 -0.93 14.81
C PRO A 137 -1.46 -0.14 15.73
N LEU A 138 -0.17 -0.07 15.44
CA LEU A 138 0.76 0.63 16.31
C LEU A 138 0.50 2.13 16.26
N LYS A 139 0.30 2.74 17.43
CA LYS A 139 0.08 4.17 17.53
CA LYS A 139 0.09 4.17 17.54
C LYS A 139 0.84 4.67 18.76
N ILE A 140 1.15 5.97 18.74
CA ILE A 140 2.01 6.58 19.77
C ILE A 140 1.65 8.05 19.89
N THR A 141 1.76 8.60 21.12
CA THR A 141 1.47 10.03 21.30
C THR A 141 2.73 10.86 21.12
N PRO A 142 2.58 12.17 20.89
CA PRO A 142 3.77 13.03 20.81
C PRO A 142 4.60 13.04 22.09
N ILE A 143 3.97 12.98 23.26
CA ILE A 143 4.74 12.89 24.51
C ILE A 143 5.51 11.58 24.57
N GLN A 144 4.89 10.47 24.17
CA GLN A 144 5.62 9.21 24.10
C GLN A 144 6.81 9.31 23.13
N GLU A 145 6.61 9.96 21.97
CA GLU A 145 7.72 10.11 21.04
C GLU A 145 8.86 10.95 21.63
N VAL A 146 8.54 12.04 22.35
CA VAL A 146 9.63 12.84 22.92
C VAL A 146 10.38 12.07 23.98
N ASN A 147 9.69 11.21 24.73
CA ASN A 147 10.38 10.41 25.75
C ASN A 147 11.25 9.35 25.11
N PHE A 148 10.81 8.76 23.99
CA PHE A 148 11.67 7.88 23.21
C PHE A 148 12.91 8.61 22.73
N ALA A 149 12.72 9.81 22.17
CA ALA A 149 13.84 10.59 21.64
C ALA A 149 14.81 10.99 22.75
N ASP A 150 14.27 11.37 23.92
CA ASP A 150 15.09 11.72 25.07
C ASP A 150 15.94 10.53 25.51
N ASP A 151 15.34 9.35 25.62
CA ASP A 151 16.13 8.16 25.95
C ASP A 151 17.19 7.90 24.90
N PHE A 152 16.82 7.97 23.62
CA PHE A 152 17.78 7.72 22.54
C PHE A 152 18.94 8.71 22.62
N ALA A 153 18.64 10.00 22.78
CA ALA A 153 19.68 11.02 22.86
C ALA A 153 20.67 10.71 23.97
N ASN A 154 20.20 10.14 25.07
CA ASN A 154 21.03 9.88 26.23
C ASN A 154 21.52 8.44 26.31
N ASN A 155 21.38 7.67 25.23
CA ASN A 155 21.81 6.28 25.18
C ASN A 155 21.15 5.44 26.27
N ARG A 156 19.90 5.77 26.62
CA ARG A 156 19.15 5.08 27.67
CA ARG A 156 19.17 5.06 27.66
C ARG A 156 18.15 4.08 27.12
N LEU A 157 18.01 3.96 25.81
CA LEU A 157 17.14 2.92 25.29
C LEU A 157 17.74 1.57 25.64
N PRO A 158 16.92 0.53 25.76
CA PRO A 158 17.43 -0.80 26.19
C PRO A 158 18.02 -1.60 25.02
N PHE A 159 19.07 -1.03 24.42
CA PHE A 159 19.88 -1.66 23.40
C PHE A 159 21.33 -1.39 23.74
N LYS A 160 22.23 -2.17 23.16
CA LYS A 160 23.66 -1.90 23.35
C LYS A 160 23.96 -0.46 22.95
N LEU A 161 24.94 0.14 23.67
CA LEU A 161 25.38 1.48 23.34
CA LEU A 161 25.36 1.48 23.34
C LEU A 161 25.81 1.59 21.89
N GLU A 162 26.56 0.59 21.40
CA GLU A 162 27.06 0.66 20.03
C GLU A 162 25.93 0.66 19.02
N THR A 163 24.84 -0.05 19.31
CA THR A 163 23.70 -0.06 18.40
C THR A 163 23.05 1.31 18.34
N GLN A 164 22.86 1.95 19.50
CA GLN A 164 22.29 3.29 19.53
C GLN A 164 23.15 4.29 18.78
N GLU A 165 24.48 4.19 18.95
CA GLU A 165 25.39 5.08 18.23
C GLU A 165 25.30 4.87 16.72
N GLU A 166 25.20 3.61 16.28
CA GLU A 166 25.09 3.34 14.85
C GLU A 166 23.84 3.98 14.24
N VAL A 167 22.70 3.87 14.92
CA VAL A 167 21.48 4.44 14.37
C VAL A 167 21.51 5.97 14.46
N LYS A 168 22.05 6.51 15.56
CA LYS A 168 22.19 7.97 15.68
C LYS A 168 22.90 8.55 14.46
N LYS A 169 23.96 7.88 13.98
CA LYS A 169 24.73 8.40 12.87
C LYS A 169 23.89 8.53 11.60
N MET A 170 22.81 7.75 11.49
CA MET A 170 21.94 7.80 10.32
C MET A 170 20.97 8.96 10.36
N LEU A 171 20.91 9.72 11.46
CA LEU A 171 19.83 10.66 11.72
C LEU A 171 20.27 12.14 11.70
N LEU A 172 21.52 12.44 11.36
CA LEU A 172 21.95 13.83 11.34
C LEU A 172 21.35 14.54 10.12
N ILE A 173 20.50 15.54 10.36
CA ILE A 173 19.80 16.21 9.28
C ILE A 173 20.19 17.67 9.09
N LYS A 174 20.85 18.30 10.07
CA LYS A 174 21.09 19.74 10.00
C LYS A 174 22.08 20.12 11.10
N GLU A 175 22.84 21.19 10.86
CA GLU A 175 23.67 21.76 11.90
C GLU A 175 23.52 23.28 11.93
N PHE A 176 23.41 23.83 13.14
CA PHE A 176 23.40 25.27 13.38
C PHE A 176 24.60 25.60 14.26
N ASN A 177 25.64 26.20 13.67
CA ASN A 177 26.84 26.67 14.38
C ASN A 177 27.23 25.83 15.60
N GLY A 178 27.56 24.55 15.40
CA GLY A 178 27.93 23.69 16.50
C GLY A 178 26.80 22.93 17.15
N SER A 179 25.54 23.27 16.86
CA SER A 179 24.39 22.54 17.36
C SER A 179 23.86 21.64 16.25
N LYS A 180 23.80 20.35 16.53
CA LYS A 180 23.43 19.35 15.52
C LYS A 180 22.01 18.86 15.78
N ILE A 181 21.26 18.66 14.70
CA ILE A 181 19.90 18.14 14.75
C ILE A 181 19.93 16.68 14.32
N TYR A 182 19.60 15.77 15.23
CA TYR A 182 19.38 14.36 14.94
C TYR A 182 17.89 14.11 15.00
N ALA A 183 17.27 13.77 13.88
CA ALA A 183 15.82 13.66 13.88
C ALA A 183 15.36 12.77 12.73
N LYS A 184 14.13 12.26 12.86
CA LYS A 184 13.48 11.47 11.82
C LYS A 184 12.10 12.06 11.54
N SER A 185 11.82 12.34 10.27
CA SER A 185 10.51 12.81 9.85
C SER A 185 9.55 11.64 9.68
N GLY A 186 8.26 11.95 9.72
CA GLY A 186 7.25 10.97 9.34
C GLY A 186 6.07 11.68 8.72
N TRP A 187 5.40 10.98 7.80
CA TRP A 187 4.21 11.52 7.16
C TRP A 187 3.29 10.34 6.90
N GLY A 188 2.25 10.22 7.72
CA GLY A 188 1.27 9.18 7.53
C GLY A 188 0.29 9.60 6.47
N MET A 189 0.49 9.12 5.24
CA MET A 189 -0.38 9.49 4.12
C MET A 189 -1.52 8.51 3.93
N ASP A 190 -1.48 7.36 4.63
CA ASP A 190 -2.48 6.32 4.47
C ASP A 190 -3.42 6.21 5.65
N VAL A 191 -3.46 7.26 6.48
CA VAL A 191 -4.46 7.44 7.52
C VAL A 191 -5.14 8.78 7.24
N THR A 192 -6.31 8.97 7.85
CA THR A 192 -7.07 10.21 7.70
CA THR A 192 -7.03 10.22 7.69
C THR A 192 -7.57 10.72 9.04
N PRO A 193 -7.30 11.99 9.38
CA PRO A 193 -6.45 12.94 8.65
C PRO A 193 -4.98 12.49 8.61
N GLN A 194 -4.22 13.03 7.68
CA GLN A 194 -2.80 12.70 7.62
C GLN A 194 -2.06 13.32 8.79
N VAL A 195 -0.99 12.65 9.22
CA VAL A 195 -0.19 13.09 10.35
C VAL A 195 1.24 13.36 9.88
N GLY A 196 1.79 14.47 10.37
CA GLY A 196 3.19 14.81 10.13
C GLY A 196 3.96 14.82 11.43
N TRP A 197 5.18 14.29 11.38
CA TRP A 197 6.04 14.19 12.56
C TRP A 197 7.43 14.70 12.21
N LEU A 198 8.09 15.29 13.22
CA LEU A 198 9.54 15.41 13.22
C LEU A 198 10.01 15.21 14.65
N THR A 199 10.72 14.12 14.90
CA THR A 199 11.08 13.73 16.26
C THR A 199 12.58 13.50 16.35
N GLY A 200 13.20 14.06 17.38
CA GLY A 200 14.62 13.86 17.56
C GLY A 200 15.18 14.71 18.68
N TRP A 201 16.40 15.22 18.50
CA TRP A 201 16.99 16.05 19.53
C TRP A 201 18.01 17.01 18.93
N VAL A 202 18.26 18.09 19.68
CA VAL A 202 19.38 18.99 19.44
C VAL A 202 20.54 18.51 20.31
N GLU A 203 21.71 18.36 19.70
CA GLU A 203 22.93 18.01 20.43
C GLU A 203 23.86 19.23 20.37
N LYS A 204 24.11 19.82 21.53
CA LYS A 204 24.95 21.00 21.57
C LYS A 204 26.42 20.59 21.67
N SER A 205 27.30 21.53 21.29
CA SER A 205 28.72 21.22 21.30
C SER A 205 29.26 20.89 22.68
N ASN A 206 28.59 21.35 23.74
CA ASN A 206 29.00 21.02 25.11
C ASN A 206 28.43 19.70 25.61
N GLY A 207 27.74 18.95 24.75
CA GLY A 207 27.23 17.64 25.12
C GLY A 207 25.79 17.62 25.60
N GLU A 208 25.18 18.78 25.83
CA GLU A 208 23.80 18.80 26.25
C GLU A 208 22.87 18.40 25.11
N LYS A 209 21.77 17.76 25.48
CA LYS A 209 20.79 17.30 24.50
C LYS A 209 19.41 17.81 24.91
N VAL A 210 18.64 18.26 23.92
CA VAL A 210 17.25 18.68 24.12
C VAL A 210 16.40 17.94 23.10
N ALA A 211 15.52 17.07 23.58
CA ALA A 211 14.68 16.28 22.70
C ALA A 211 13.41 17.04 22.34
N PHE A 212 12.89 16.74 21.15
CA PHE A 212 11.66 17.38 20.69
C PHE A 212 10.83 16.39 19.87
N SER A 213 9.52 16.64 19.83
CA SER A 213 8.65 15.92 18.91
C SER A 213 7.57 16.89 18.40
N LEU A 214 7.62 17.18 17.11
CA LEU A 214 6.59 17.97 16.45
C LEU A 214 5.58 17.01 15.83
N ASN A 215 4.29 17.34 16.02
CA ASN A 215 3.19 16.54 15.49
C ASN A 215 2.14 17.50 14.95
N ILE A 216 1.79 17.36 13.67
CA ILE A 216 0.83 18.26 13.02
CA ILE A 216 0.82 18.25 13.05
C ILE A 216 -0.10 17.47 12.12
N GLU A 217 -1.24 18.09 11.81
CA GLU A 217 -2.09 17.56 10.74
C GLU A 217 -1.56 18.07 9.40
N MET A 218 -1.25 17.16 8.47
CA MET A 218 -0.80 17.58 7.15
C MET A 218 -2.01 17.87 6.26
N LYS A 219 -2.02 19.05 5.65
CA LYS A 219 -3.14 19.50 4.82
C LYS A 219 -2.84 19.28 3.34
N GLN A 220 -3.88 19.31 2.52
CA GLN A 220 -3.69 19.17 1.08
C GLN A 220 -2.85 20.33 0.57
N GLY A 221 -1.79 19.99 -0.18
CA GLY A 221 -0.92 21.02 -0.73
C GLY A 221 0.09 21.60 0.24
N MET A 222 0.18 21.05 1.43
CA MET A 222 1.13 21.51 2.44
C MET A 222 2.49 20.83 2.21
N PRO A 223 3.59 21.57 2.20
CA PRO A 223 4.89 20.95 1.94
C PRO A 223 5.44 20.22 3.15
N GLY A 224 6.18 19.14 2.89
CA GLY A 224 6.81 18.41 3.98
C GLY A 224 7.77 19.27 4.78
N SER A 225 8.38 20.26 4.14
CA SER A 225 9.33 21.17 4.78
C SER A 225 8.70 22.01 5.87
N ILE A 226 7.36 22.09 5.94
CA ILE A 226 6.73 22.83 7.03
C ILE A 226 7.06 22.23 8.39
N ARG A 227 7.32 20.92 8.44
CA ARG A 227 7.67 20.28 9.71
C ARG A 227 8.96 20.84 10.26
N ASN A 228 9.97 20.95 9.40
CA ASN A 228 11.25 21.52 9.79
C ASN A 228 11.12 23.00 10.12
N GLU A 229 10.33 23.73 9.32
CA GLU A 229 10.20 25.16 9.52
C GLU A 229 9.61 25.48 10.89
N ILE A 230 8.52 24.82 11.26
CA ILE A 230 7.92 25.06 12.58
C ILE A 230 8.89 24.66 13.68
N THR A 231 9.53 23.50 13.53
CA THR A 231 10.44 23.01 14.55
C THR A 231 11.56 24.00 14.80
N TYR A 232 12.21 24.46 13.73
CA TYR A 232 13.36 25.34 13.92
C TYR A 232 12.94 26.70 14.47
N LYS A 233 11.81 27.24 14.03
CA LYS A 233 11.33 28.49 14.61
C LYS A 233 11.07 28.33 16.11
N SER A 234 10.52 27.19 16.50
CA SER A 234 10.22 26.94 17.91
C SER A 234 11.50 26.79 18.73
N LEU A 235 12.45 26.00 18.23
CA LEU A 235 13.72 25.82 18.95
C LEU A 235 14.48 27.15 19.06
N GLU A 236 14.45 27.96 18.01
CA GLU A 236 15.09 29.28 18.07
C GLU A 236 14.42 30.17 19.10
N ASN A 237 13.07 30.18 19.12
CA ASN A 237 12.38 31.03 20.08
C ASN A 237 12.74 30.66 21.51
N LEU A 238 12.92 29.37 21.77
CA LEU A 238 13.28 28.87 23.09
C LEU A 238 14.76 29.06 23.41
N GLY A 239 15.56 29.52 22.46
CA GLY A 239 16.99 29.67 22.69
C GLY A 239 17.77 28.38 22.65
N ILE A 240 17.16 27.29 22.19
CA ILE A 240 17.84 26.00 22.11
C ILE A 240 18.81 25.99 20.92
N ILE A 241 18.47 26.69 19.84
CA ILE A 241 19.40 26.93 18.75
C ILE A 241 19.47 28.42 18.50
N GLN B 2 -5.41 -35.31 -27.44
CA GLN B 2 -6.79 -34.85 -27.36
C GLN B 2 -7.12 -33.85 -28.47
N GLN B 3 -8.30 -34.01 -29.06
CA GLN B 3 -8.71 -33.14 -30.16
C GLN B 3 -9.07 -31.75 -29.67
N HIS B 4 -9.65 -31.62 -28.48
CA HIS B 4 -9.90 -30.31 -27.90
C HIS B 4 -8.60 -29.55 -27.68
N GLU B 5 -7.59 -30.23 -27.15
CA GLU B 5 -6.30 -29.59 -26.91
C GLU B 5 -5.70 -29.06 -28.21
N LYS B 6 -5.75 -29.85 -29.28
CA LYS B 6 -5.16 -29.42 -30.55
CA LYS B 6 -5.17 -29.42 -30.54
C LYS B 6 -5.94 -28.26 -31.15
N ALA B 7 -7.26 -28.29 -31.07
CA ALA B 7 -8.08 -27.21 -31.62
C ALA B 7 -7.82 -25.90 -30.88
N ILE B 8 -7.86 -25.94 -29.55
CA ILE B 8 -7.69 -24.69 -28.79
C ILE B 8 -6.27 -24.16 -28.95
N LYS B 9 -5.28 -25.05 -28.97
CA LYS B 9 -3.91 -24.62 -29.27
C LYS B 9 -3.85 -23.85 -30.58
N SER B 10 -4.57 -24.31 -31.61
CA SER B 10 -4.52 -23.65 -32.91
C SER B 10 -5.07 -22.22 -32.85
N TYR B 11 -6.03 -21.95 -31.97
CA TYR B 11 -6.58 -20.60 -31.89
C TYR B 11 -5.52 -19.61 -31.42
N PHE B 12 -4.68 -20.02 -30.47
CA PHE B 12 -3.61 -19.15 -30.02
C PHE B 12 -2.50 -19.06 -31.07
N ASP B 13 -2.19 -20.17 -31.73
CA ASP B 13 -1.16 -20.15 -32.77
C ASP B 13 -1.52 -19.20 -33.90
N GLU B 14 -2.78 -19.27 -34.37
CA GLU B 14 -3.18 -18.41 -35.48
C GLU B 14 -3.25 -16.96 -35.08
N ALA B 15 -3.41 -16.66 -33.78
CA ALA B 15 -3.33 -15.29 -33.29
C ALA B 15 -1.90 -14.78 -33.20
N GLN B 16 -0.90 -15.64 -33.45
CA GLN B 16 0.51 -15.24 -33.49
C GLN B 16 0.99 -14.76 -32.11
N THR B 17 0.56 -15.43 -31.05
CA THR B 17 1.01 -15.09 -29.71
C THR B 17 1.00 -16.34 -28.85
N GLN B 18 1.26 -16.16 -27.56
CA GLN B 18 1.31 -17.24 -26.59
C GLN B 18 0.19 -17.03 -25.58
N GLY B 19 -0.50 -18.11 -25.23
CA GLY B 19 -1.59 -17.96 -24.28
C GLY B 19 -2.12 -19.28 -23.78
N VAL B 20 -2.99 -19.18 -22.76
CA VAL B 20 -3.70 -20.31 -22.20
CA VAL B 20 -3.68 -20.31 -22.16
C VAL B 20 -5.13 -19.89 -21.91
N ILE B 21 -6.01 -20.88 -21.84
CA ILE B 21 -7.34 -20.70 -21.26
C ILE B 21 -7.58 -21.84 -20.28
N ILE B 22 -7.98 -21.48 -19.06
CA ILE B 22 -8.30 -22.43 -18.00
C ILE B 22 -9.81 -22.53 -17.90
N ILE B 23 -10.32 -23.75 -17.75
CA ILE B 23 -11.75 -24.02 -17.63
C ILE B 23 -11.96 -24.77 -16.33
N LYS B 24 -12.94 -24.33 -15.53
CA LYS B 24 -13.26 -25.00 -14.28
C LYS B 24 -14.76 -25.31 -14.26
N LYS B 25 -15.08 -26.60 -14.28
CA LYS B 25 -16.46 -27.06 -14.13
C LYS B 25 -16.51 -27.86 -12.84
N GLY B 26 -17.06 -27.25 -11.79
CA GLY B 26 -17.01 -27.82 -10.46
C GLY B 26 -15.59 -28.13 -10.04
N LYS B 27 -15.32 -29.41 -9.83
CA LYS B 27 -14.02 -29.85 -9.35
CA LYS B 27 -14.02 -29.87 -9.35
C LYS B 27 -12.99 -29.93 -10.47
N ASN B 28 -13.42 -30.10 -11.70
CA ASN B 28 -12.51 -30.35 -12.82
C ASN B 28 -11.92 -29.05 -13.36
N ILE B 29 -10.61 -28.90 -13.24
CA ILE B 29 -9.87 -27.81 -13.87
C ILE B 29 -9.13 -28.38 -15.07
N SER B 30 -9.25 -27.71 -16.22
CA SER B 30 -8.57 -28.12 -17.43
C SER B 30 -7.85 -26.93 -18.03
N THR B 31 -6.68 -27.18 -18.60
CA THR B 31 -5.80 -26.16 -19.16
C THR B 31 -5.62 -26.43 -20.65
N TYR B 32 -5.81 -25.40 -21.47
CA TYR B 32 -5.65 -25.49 -22.92
C TYR B 32 -4.84 -24.30 -23.40
N GLY B 33 -4.23 -24.43 -24.58
CA GLY B 33 -3.52 -23.32 -25.17
C GLY B 33 -2.24 -23.77 -25.82
N ASN B 34 -1.40 -22.80 -26.20
CA ASN B 34 -0.15 -23.09 -26.87
C ASN B 34 1.09 -22.84 -26.02
N ASN B 35 0.94 -22.31 -24.80
CA ASN B 35 2.06 -22.23 -23.85
C ASN B 35 1.51 -22.57 -22.46
N LEU B 36 1.41 -23.87 -22.18
CA LEU B 36 0.73 -24.34 -20.98
C LEU B 36 1.39 -23.87 -19.69
N THR B 37 2.69 -23.52 -19.74
CA THR B 37 3.36 -23.05 -18.52
C THR B 37 2.78 -21.74 -18.00
N ARG B 38 2.10 -20.97 -18.85
CA ARG B 38 1.46 -19.75 -18.38
C ARG B 38 0.43 -20.02 -17.29
N ALA B 39 -0.14 -21.23 -17.25
CA ALA B 39 -1.23 -21.52 -16.32
C ALA B 39 -0.80 -21.35 -14.87
N HIS B 40 0.46 -21.66 -14.55
CA HIS B 40 0.97 -21.54 -13.19
CA HIS B 40 0.98 -21.54 -13.19
C HIS B 40 1.94 -20.38 -13.03
N THR B 41 1.98 -19.47 -13.99
CA THR B 41 2.84 -18.30 -13.94
C THR B 41 2.05 -17.10 -13.40
N GLU B 42 2.68 -16.33 -12.51
CA GLU B 42 2.03 -15.15 -11.94
C GLU B 42 2.15 -13.95 -12.88
N TYR B 43 1.06 -13.21 -13.03
CA TYR B 43 1.02 -11.97 -13.79
C TYR B 43 0.25 -10.92 -12.99
N VAL B 44 0.49 -9.65 -13.32
CA VAL B 44 -0.38 -8.64 -12.70
C VAL B 44 -1.82 -8.90 -13.13
N PRO B 45 -2.80 -8.70 -12.25
CA PRO B 45 -4.19 -8.91 -12.66
C PRO B 45 -4.72 -7.83 -13.59
N ALA B 46 -4.08 -6.67 -13.64
CA ALA B 46 -4.59 -5.51 -14.37
C ALA B 46 -6.06 -5.31 -14.02
N SER B 47 -6.91 -4.93 -14.99
CA SER B 47 -8.27 -4.55 -14.64
C SER B 47 -9.15 -5.72 -14.22
N THR B 48 -8.70 -6.98 -14.31
CA THR B 48 -9.48 -8.04 -13.68
C THR B 48 -9.65 -7.77 -12.19
N PHE B 49 -8.73 -7.02 -11.59
CA PHE B 49 -8.84 -6.68 -10.19
C PHE B 49 -10.08 -5.82 -9.89
N KCX B 50 -10.63 -5.14 -10.89
CA KCX B 50 -11.84 -4.34 -10.64
CB KCX B 50 -12.33 -3.63 -11.90
CG KCX B 50 -11.46 -2.47 -12.34
CD KCX B 50 -12.07 -1.69 -13.51
CE KCX B 50 -11.28 -0.40 -13.80
NZ KCX B 50 -9.91 -0.75 -14.23
C KCX B 50 -12.96 -5.17 -10.03
O KCX B 50 -13.76 -4.64 -9.27
CX KCX B 50 -8.86 -0.76 -13.40
OQ1 KCX B 50 -8.99 -0.38 -12.21
OQ2 KCX B 50 -7.76 -1.12 -13.83
N MET B 51 -13.04 -6.45 -10.38
CA MET B 51 -14.05 -7.31 -9.77
C MET B 51 -13.93 -7.30 -8.24
N LEU B 52 -12.69 -7.51 -7.78
CA LEU B 52 -12.44 -7.59 -6.34
C LEU B 52 -12.48 -6.21 -5.68
N ASN B 53 -11.95 -5.19 -6.35
CA ASN B 53 -12.06 -3.81 -5.88
C ASN B 53 -13.52 -3.45 -5.61
N ALA B 54 -14.40 -3.75 -6.57
CA ALA B 54 -15.83 -3.47 -6.41
C ALA B 54 -16.42 -4.25 -5.23
N LEU B 55 -16.12 -5.54 -5.14
CA LEU B 55 -16.64 -6.34 -4.02
C LEU B 55 -16.22 -5.75 -2.68
N ILE B 56 -14.94 -5.39 -2.55
CA ILE B 56 -14.42 -4.81 -1.32
C ILE B 56 -15.10 -3.48 -1.00
N GLY B 57 -15.22 -2.61 -2.02
CA GLY B 57 -15.78 -1.30 -1.77
C GLY B 57 -17.24 -1.35 -1.36
N LEU B 58 -18.02 -2.22 -1.99
CA LEU B 58 -19.43 -2.34 -1.64
C LEU B 58 -19.61 -3.03 -0.30
N GLU B 59 -18.88 -4.12 -0.06
CA GLU B 59 -19.00 -4.87 1.19
C GLU B 59 -18.72 -3.97 2.39
N ASN B 60 -17.75 -3.06 2.23
CA ASN B 60 -17.29 -2.22 3.33
C ASN B 60 -17.88 -0.82 3.28
N HIS B 61 -18.95 -0.63 2.51
CA HIS B 61 -19.78 0.58 2.56
C HIS B 61 -19.05 1.82 2.06
N LYS B 62 -18.05 1.64 1.20
CA LYS B 62 -17.30 2.78 0.67
C LYS B 62 -17.98 3.41 -0.54
N ALA B 63 -18.94 2.72 -1.13
CA ALA B 63 -19.69 3.20 -2.27
C ALA B 63 -21.00 2.43 -2.32
N THR B 64 -21.93 2.91 -3.13
CA THR B 64 -23.12 2.17 -3.50
C THR B 64 -23.14 1.99 -5.02
N THR B 65 -24.06 1.15 -5.48
CA THR B 65 -24.16 0.90 -6.93
C THR B 65 -24.87 2.03 -7.67
N THR B 66 -25.55 2.94 -6.98
CA THR B 66 -26.18 4.06 -7.64
C THR B 66 -25.39 5.36 -7.48
N GLU B 67 -24.36 5.37 -6.63
CA GLU B 67 -23.56 6.57 -6.44
C GLU B 67 -22.91 7.00 -7.74
N ILE B 68 -22.92 8.30 -7.99
CA ILE B 68 -22.30 8.87 -9.18
C ILE B 68 -20.90 9.33 -8.80
N PHE B 69 -19.90 8.76 -9.46
CA PHE B 69 -18.52 9.19 -9.33
C PHE B 69 -18.33 10.33 -10.33
N LYS B 70 -18.24 11.55 -9.82
CA LYS B 70 -18.19 12.71 -10.69
C LYS B 70 -16.82 12.85 -11.32
N TRP B 71 -16.79 13.25 -12.59
CA TRP B 71 -15.54 13.62 -13.22
C TRP B 71 -15.09 14.96 -12.66
N ASP B 72 -13.83 15.03 -12.25
CA ASP B 72 -13.25 16.24 -11.68
C ASP B 72 -12.78 17.22 -12.76
N GLY B 73 -13.06 16.94 -14.03
CA GLY B 73 -12.67 17.80 -15.12
C GLY B 73 -11.22 17.73 -15.52
N LYS B 74 -10.44 16.83 -14.93
CA LYS B 74 -9.03 16.70 -15.26
C LYS B 74 -8.83 15.62 -16.30
N LYS B 75 -7.83 15.82 -17.17
CA LYS B 75 -7.68 14.95 -18.33
C LYS B 75 -7.52 13.50 -17.91
N ARG B 76 -8.26 12.63 -18.59
CA ARG B 76 -8.16 11.19 -18.41
C ARG B 76 -7.59 10.56 -19.68
N SER B 77 -7.27 9.27 -19.59
CA SER B 77 -6.55 8.60 -20.67
C SER B 77 -7.37 8.53 -21.95
N TYR B 78 -8.69 8.50 -21.84
CA TYR B 78 -9.57 8.38 -22.99
C TYR B 78 -10.76 9.30 -22.78
N PRO B 79 -11.24 9.96 -23.84
CA PRO B 79 -12.43 10.81 -23.70
C PRO B 79 -13.66 10.07 -23.22
N MET B 80 -13.77 8.77 -23.51
CA MET B 80 -14.91 7.97 -23.05
C MET B 80 -15.04 7.95 -21.54
N TRP B 81 -13.96 8.27 -20.82
CA TRP B 81 -13.98 8.28 -19.37
C TRP B 81 -14.24 9.66 -18.77
N GLU B 82 -14.31 10.71 -19.60
CA GLU B 82 -14.43 12.07 -19.09
C GLU B 82 -15.90 12.46 -18.93
N LYS B 83 -16.54 11.82 -17.95
CA LYS B 83 -17.95 12.01 -17.66
C LYS B 83 -18.24 11.40 -16.30
N ASP B 84 -19.35 11.80 -15.69
CA ASP B 84 -19.76 11.17 -14.44
C ASP B 84 -20.21 9.74 -14.73
N MET B 85 -19.92 8.82 -13.79
CA MET B 85 -20.17 7.39 -13.99
C MET B 85 -20.48 6.72 -12.67
N THR B 86 -21.30 5.66 -12.73
CA THR B 86 -21.44 4.72 -11.62
C THR B 86 -20.32 3.68 -11.66
N LEU B 87 -20.21 2.89 -10.59
CA LEU B 87 -19.26 1.77 -10.60
C LEU B 87 -19.54 0.82 -11.75
N GLY B 88 -20.80 0.56 -12.04
CA GLY B 88 -21.14 -0.34 -13.13
C GLY B 88 -20.78 0.23 -14.49
N ASP B 89 -21.03 1.53 -14.68
CA ASP B 89 -20.59 2.19 -15.91
C ASP B 89 -19.09 2.05 -16.06
N ALA B 90 -18.36 2.29 -14.98
CA ALA B 90 -16.90 2.26 -15.03
C ALA B 90 -16.37 0.84 -15.22
N MET B 91 -17.08 -0.17 -14.70
CA MET B 91 -16.66 -1.55 -14.93
C MET B 91 -16.67 -1.88 -16.41
N ALA B 92 -17.76 -1.54 -17.10
CA ALA B 92 -17.89 -1.88 -18.51
C ALA B 92 -16.87 -1.12 -19.36
N LEU B 93 -16.54 0.12 -19.00
CA LEU B 93 -15.54 0.91 -19.71
C LEU B 93 -14.13 0.67 -19.21
N SER B 94 -13.96 -0.15 -18.17
CA SER B 94 -12.67 -0.33 -17.50
C SER B 94 -12.04 1.02 -17.13
N ALA B 95 -12.85 1.91 -16.56
CA ALA B 95 -12.44 3.28 -16.23
C ALA B 95 -11.61 3.29 -14.95
N VAL B 96 -10.31 3.07 -15.14
CA VAL B 96 -9.39 2.99 -13.99
CA VAL B 96 -9.33 3.03 -14.03
C VAL B 96 -9.48 4.17 -13.03
N PRO B 97 -9.64 5.43 -13.45
CA PRO B 97 -9.66 6.51 -12.44
C PRO B 97 -10.79 6.39 -11.44
N VAL B 98 -11.94 5.87 -11.84
CA VAL B 98 -13.03 5.65 -10.90
C VAL B 98 -12.65 4.61 -9.86
N TYR B 99 -12.03 3.51 -10.31
CA TYR B 99 -11.63 2.45 -9.39
C TYR B 99 -10.42 2.84 -8.54
N GLN B 100 -9.59 3.78 -9.02
CA GLN B 100 -8.56 4.33 -8.14
C GLN B 100 -9.18 5.18 -7.05
N GLU B 101 -10.20 5.98 -7.37
CA GLU B 101 -10.91 6.71 -6.34
CA GLU B 101 -10.92 6.72 -6.34
C GLU B 101 -11.52 5.76 -5.31
N LEU B 102 -12.13 4.67 -5.78
CA LEU B 102 -12.69 3.69 -4.84
C LEU B 102 -11.61 3.07 -3.96
N ALA B 103 -10.47 2.69 -4.56
CA ALA B 103 -9.39 2.10 -3.78
C ALA B 103 -8.89 3.06 -2.70
N ARG B 104 -8.81 4.35 -3.02
CA ARG B 104 -8.35 5.32 -2.03
C ARG B 104 -9.35 5.47 -0.88
N ARG B 105 -10.66 5.33 -1.15
CA ARG B 105 -11.63 5.34 -0.08
C ARG B 105 -11.44 4.13 0.83
N THR B 106 -11.27 2.95 0.24
CA THR B 106 -11.01 1.76 1.02
C THR B 106 -9.76 1.92 1.87
N GLY B 107 -8.68 2.42 1.27
CA GLY B 107 -7.45 2.69 1.98
C GLY B 107 -6.56 1.46 2.11
N LEU B 108 -5.28 1.72 2.41
CA LEU B 108 -4.27 0.68 2.36
C LEU B 108 -4.53 -0.44 3.34
N ASP B 109 -4.86 -0.11 4.60
CA ASP B 109 -5.05 -1.14 5.60
C ASP B 109 -6.18 -2.08 5.24
N LEU B 110 -7.37 -1.52 4.99
CA LEU B 110 -8.52 -2.34 4.67
C LEU B 110 -8.29 -3.12 3.37
N MET B 111 -7.71 -2.47 2.36
CA MET B 111 -7.45 -3.19 1.11
C MET B 111 -6.55 -4.40 1.34
N GLN B 112 -5.48 -4.23 2.14
CA GLN B 112 -4.57 -5.34 2.38
C GLN B 112 -5.26 -6.45 3.16
N LYS B 113 -6.03 -6.09 4.19
CA LYS B 113 -6.74 -7.11 4.96
C LYS B 113 -7.70 -7.89 4.08
N GLU B 114 -8.42 -7.19 3.20
CA GLU B 114 -9.43 -7.83 2.38
C GLU B 114 -8.80 -8.72 1.31
N VAL B 115 -7.77 -8.22 0.64
CA VAL B 115 -7.08 -9.04 -0.37
C VAL B 115 -6.50 -10.29 0.28
N LYS B 116 -5.95 -10.15 1.49
CA LYS B 116 -5.39 -11.30 2.19
C LYS B 116 -6.47 -12.34 2.50
N ARG B 117 -7.59 -11.91 3.07
CA ARG B 117 -8.59 -12.90 3.48
C ARG B 117 -9.30 -13.54 2.29
N VAL B 118 -9.34 -12.87 1.13
CA VAL B 118 -9.87 -13.49 -0.07
C VAL B 118 -8.89 -14.49 -0.66
N GLY B 119 -7.61 -14.35 -0.33
CA GLY B 119 -6.60 -15.23 -0.88
C GLY B 119 -6.34 -14.99 -2.36
N PHE B 120 -6.37 -13.73 -2.78
CA PHE B 120 -6.27 -13.38 -4.19
C PHE B 120 -4.81 -13.32 -4.62
N GLY B 121 -4.39 -14.31 -5.41
CA GLY B 121 -3.02 -14.34 -5.90
C GLY B 121 -2.02 -14.38 -4.76
N ASN B 122 -0.91 -13.65 -4.95
CA ASN B 122 0.11 -13.59 -3.90
C ASN B 122 -0.30 -12.71 -2.72
N MET B 123 -1.46 -12.04 -2.80
CA MET B 123 -2.04 -11.28 -1.70
C MET B 123 -1.21 -10.07 -1.29
N ASN B 124 -0.23 -9.65 -2.09
CA ASN B 124 0.66 -8.56 -1.72
C ASN B 124 0.25 -7.29 -2.45
N ILE B 125 -0.26 -6.30 -1.72
CA ILE B 125 -0.60 -5.03 -2.35
C ILE B 125 0.45 -3.96 -2.16
N GLY B 126 1.48 -4.21 -1.34
CA GLY B 126 2.51 -3.20 -1.17
C GLY B 126 2.01 -1.98 -0.42
N THR B 127 2.57 -0.81 -0.77
CA THR B 127 2.30 0.43 -0.05
C THR B 127 1.61 1.49 -0.90
N GLN B 128 1.27 1.21 -2.15
CA GLN B 128 0.60 2.16 -3.03
C GLN B 128 -0.80 1.63 -3.34
N VAL B 129 -1.80 2.15 -2.63
CA VAL B 129 -3.15 1.60 -2.72
C VAL B 129 -3.81 1.85 -4.08
N ASP B 130 -3.30 2.78 -4.88
CA ASP B 130 -3.99 3.16 -6.11
C ASP B 130 -3.40 2.56 -7.39
N ASN B 131 -2.39 1.67 -7.32
CA ASN B 131 -1.87 1.10 -8.56
C ASN B 131 -1.34 -0.32 -8.45
N PHE B 132 -1.53 -1.01 -7.33
CA PHE B 132 -0.83 -2.27 -7.09
C PHE B 132 -1.29 -3.38 -8.04
N TRP B 133 -2.48 -3.25 -8.65
CA TRP B 133 -2.97 -4.24 -9.59
C TRP B 133 -2.48 -3.99 -11.01
N LEU B 134 -1.85 -2.85 -11.25
CA LEU B 134 -1.38 -2.48 -12.58
C LEU B 134 0.11 -2.71 -12.75
N VAL B 135 0.92 -2.39 -11.74
CA VAL B 135 2.36 -2.42 -11.82
C VAL B 135 2.99 -3.39 -10.82
N GLY B 136 2.17 -4.20 -10.16
CA GLY B 136 2.66 -4.99 -9.05
C GLY B 136 2.61 -4.18 -7.76
N PRO B 137 2.88 -4.83 -6.61
CA PRO B 137 3.40 -6.20 -6.50
C PRO B 137 2.37 -7.32 -6.52
N LEU B 138 1.09 -6.99 -6.62
CA LEU B 138 0.06 -8.03 -6.66
C LEU B 138 0.16 -8.79 -7.97
N LYS B 139 0.25 -10.12 -7.87
CA LYS B 139 0.27 -10.98 -9.03
C LYS B 139 -0.57 -12.21 -8.75
N ILE B 140 -1.01 -12.86 -9.82
CA ILE B 140 -1.93 -13.98 -9.73
C ILE B 140 -1.74 -14.85 -10.96
N THR B 141 -1.92 -16.18 -10.79
CA THR B 141 -1.82 -17.08 -11.94
C THR B 141 -3.18 -17.24 -12.61
N PRO B 142 -3.20 -17.68 -13.87
CA PRO B 142 -4.50 -17.99 -14.50
C PRO B 142 -5.31 -19.05 -13.76
N ILE B 143 -4.66 -20.06 -13.20
CA ILE B 143 -5.41 -21.03 -12.39
C ILE B 143 -6.03 -20.36 -11.18
N GLN B 144 -5.29 -19.47 -10.52
CA GLN B 144 -5.86 -18.75 -9.39
C GLN B 144 -7.02 -17.86 -9.82
N GLU B 145 -6.92 -17.25 -11.02
CA GLU B 145 -8.04 -16.43 -11.50
C GLU B 145 -9.28 -17.28 -11.78
N VAL B 146 -9.10 -18.48 -12.34
CA VAL B 146 -10.27 -19.32 -12.60
C VAL B 146 -10.89 -19.81 -11.30
N ASN B 147 -10.07 -20.06 -10.27
CA ASN B 147 -10.61 -20.44 -8.98
C ASN B 147 -11.42 -19.29 -8.38
N PHE B 148 -10.91 -18.07 -8.48
CA PHE B 148 -11.66 -16.90 -8.04
C PHE B 148 -12.97 -16.78 -8.81
N ALA B 149 -12.91 -16.93 -10.13
CA ALA B 149 -14.12 -16.81 -10.95
C ALA B 149 -15.16 -17.86 -10.58
N ASP B 150 -14.72 -19.11 -10.35
CA ASP B 150 -15.68 -20.15 -10.02
C ASP B 150 -16.28 -19.93 -8.63
N ASP B 151 -15.48 -19.43 -7.67
CA ASP B 151 -16.04 -19.07 -6.37
C ASP B 151 -17.07 -17.95 -6.52
N PHE B 152 -16.74 -16.93 -7.29
CA PHE B 152 -17.65 -15.81 -7.52
C PHE B 152 -18.94 -16.31 -8.18
N ALA B 153 -18.80 -17.12 -9.23
CA ALA B 153 -19.97 -17.66 -9.94
C ALA B 153 -20.91 -18.39 -8.99
N ASN B 154 -20.36 -19.08 -7.99
CA ASN B 154 -21.15 -19.90 -7.09
C ASN B 154 -21.37 -19.24 -5.73
N ASN B 155 -21.11 -17.94 -5.63
CA ASN B 155 -21.34 -17.16 -4.42
C ASN B 155 -20.56 -17.70 -3.21
N ARG B 156 -19.38 -18.26 -3.47
CA ARG B 156 -18.54 -18.83 -2.41
C ARG B 156 -17.47 -17.87 -1.91
N LEU B 157 -17.32 -16.69 -2.53
CA LEU B 157 -16.39 -15.71 -2.01
C LEU B 157 -16.82 -15.26 -0.61
N PRO B 158 -15.85 -14.83 0.26
CA PRO B 158 -16.22 -14.41 1.63
C PRO B 158 -16.76 -12.99 1.69
N PHE B 159 -17.84 -12.76 0.93
CA PHE B 159 -18.61 -11.53 0.93
C PHE B 159 -20.07 -11.91 1.06
N LYS B 160 -20.89 -10.94 1.45
CA LYS B 160 -22.31 -11.18 1.51
C LYS B 160 -22.84 -11.57 0.13
N LEU B 161 -23.89 -12.40 0.12
CA LEU B 161 -24.52 -12.77 -1.13
C LEU B 161 -24.94 -11.55 -1.92
N GLU B 162 -25.50 -10.55 -1.24
CA GLU B 162 -25.96 -9.33 -1.91
C GLU B 162 -24.80 -8.60 -2.58
N THR B 163 -23.62 -8.57 -1.94
CA THR B 163 -22.46 -7.92 -2.53
C THR B 163 -22.03 -8.62 -3.80
N GLN B 164 -21.98 -9.96 -3.77
CA GLN B 164 -21.60 -10.70 -4.96
C GLN B 164 -22.60 -10.50 -6.09
N GLU B 165 -23.89 -10.50 -5.76
CA GLU B 165 -24.91 -10.27 -6.79
C GLU B 165 -24.81 -8.87 -7.39
N GLU B 166 -24.50 -7.86 -6.56
CA GLU B 166 -24.37 -6.50 -7.07
C GLU B 166 -23.24 -6.39 -8.08
N VAL B 167 -22.10 -7.01 -7.78
CA VAL B 167 -20.98 -6.90 -8.70
C VAL B 167 -21.21 -7.76 -9.94
N LYS B 168 -21.83 -8.94 -9.77
CA LYS B 168 -22.17 -9.78 -10.91
C LYS B 168 -22.97 -8.99 -11.95
N LYS B 169 -23.92 -8.17 -11.49
CA LYS B 169 -24.74 -7.39 -12.42
C LYS B 169 -23.92 -6.42 -13.27
N MET B 170 -22.73 -6.05 -12.81
CA MET B 170 -21.87 -5.15 -13.56
C MET B 170 -21.05 -5.84 -14.64
N LEU B 171 -21.11 -7.17 -14.72
CA LEU B 171 -20.14 -7.96 -15.48
C LEU B 171 -20.76 -8.69 -16.67
N LEU B 172 -22.04 -8.45 -16.98
CA LEU B 172 -22.67 -9.13 -18.11
C LEU B 172 -22.19 -8.50 -19.41
N ILE B 173 -21.35 -9.22 -20.15
CA ILE B 173 -20.74 -8.68 -21.36
C ILE B 173 -21.30 -9.27 -22.66
N LYS B 174 -21.93 -10.45 -22.61
CA LYS B 174 -22.30 -11.13 -23.84
C LYS B 174 -23.35 -12.19 -23.52
N GLU B 175 -24.19 -12.50 -24.49
CA GLU B 175 -25.11 -13.62 -24.36
C GLU B 175 -25.16 -14.39 -25.67
N PHE B 176 -25.10 -15.72 -25.56
CA PHE B 176 -25.31 -16.62 -26.68
C PHE B 176 -26.60 -17.37 -26.37
N ASN B 177 -27.72 -16.85 -26.90
CA ASN B 177 -29.05 -17.46 -26.81
C ASN B 177 -29.30 -18.25 -25.53
N GLY B 178 -29.43 -17.56 -24.39
CA GLY B 178 -29.64 -18.22 -23.12
C GLY B 178 -28.40 -18.53 -22.32
N SER B 179 -27.21 -18.39 -22.91
CA SER B 179 -25.94 -18.56 -22.21
C SER B 179 -25.35 -17.18 -22.01
N LYS B 180 -25.26 -16.73 -20.76
CA LYS B 180 -24.75 -15.40 -20.46
C LYS B 180 -23.29 -15.47 -20.03
N ILE B 181 -22.51 -14.48 -20.47
CA ILE B 181 -21.10 -14.38 -20.13
C ILE B 181 -20.94 -13.26 -19.11
N TYR B 182 -20.52 -13.61 -17.90
CA TYR B 182 -20.16 -12.65 -16.88
C TYR B 182 -18.64 -12.67 -16.78
N ALA B 183 -17.99 -11.57 -17.12
CA ALA B 183 -16.53 -11.60 -17.17
C ALA B 183 -15.97 -10.18 -17.16
N LYS B 184 -14.68 -10.09 -16.83
CA LYS B 184 -13.95 -8.82 -16.84
C LYS B 184 -12.64 -8.99 -17.60
N SER B 185 -12.38 -8.06 -18.51
CA SER B 185 -11.13 -8.05 -19.26
C SER B 185 -10.03 -7.36 -18.45
N GLY B 186 -8.80 -7.67 -18.83
CA GLY B 186 -7.65 -6.97 -18.29
C GLY B 186 -6.59 -6.84 -19.36
N TRP B 187 -5.84 -5.72 -19.28
CA TRP B 187 -4.74 -5.50 -20.20
C TRP B 187 -3.65 -4.75 -19.43
N GLY B 188 -2.61 -5.47 -19.03
CA GLY B 188 -1.49 -4.86 -18.35
C GLY B 188 -0.56 -4.22 -19.35
N MET B 189 -0.68 -2.92 -19.54
CA MET B 189 0.13 -2.20 -20.52
C MET B 189 1.41 -1.62 -19.93
N ASP B 190 1.53 -1.56 -18.61
CA ASP B 190 2.69 -0.99 -17.97
C ASP B 190 3.67 -2.04 -17.46
N VAL B 191 3.49 -3.29 -17.87
CA VAL B 191 4.42 -4.37 -17.61
C VAL B 191 4.89 -4.92 -18.95
N THR B 192 6.02 -5.64 -18.92
CA THR B 192 6.59 -6.22 -20.14
C THR B 192 7.01 -7.68 -19.95
N PRO B 193 6.53 -8.58 -20.82
CA PRO B 193 5.57 -8.31 -21.91
C PRO B 193 4.20 -7.90 -21.37
N GLN B 194 3.38 -7.31 -22.23
CA GLN B 194 2.03 -6.96 -21.81
C GLN B 194 1.18 -8.22 -21.66
N VAL B 195 0.24 -8.17 -20.71
CA VAL B 195 -0.60 -9.32 -20.38
C VAL B 195 -2.05 -8.98 -20.68
N GLY B 196 -2.74 -9.89 -21.35
CA GLY B 196 -4.17 -9.76 -21.62
C GLY B 196 -4.94 -10.84 -20.88
N TRP B 197 -6.09 -10.45 -20.32
CA TRP B 197 -6.93 -11.35 -19.55
C TRP B 197 -8.37 -11.25 -20.01
N LEU B 198 -9.09 -12.36 -19.90
CA LEU B 198 -10.55 -12.35 -19.83
C LEU B 198 -10.96 -13.44 -18.85
N THR B 199 -11.54 -13.05 -17.72
CA THR B 199 -11.82 -13.98 -16.63
C THR B 199 -13.28 -13.83 -16.22
N GLY B 200 -13.98 -14.96 -16.10
CA GLY B 200 -15.35 -14.93 -15.67
C GLY B 200 -16.00 -16.29 -15.75
N TRP B 201 -17.28 -16.33 -16.12
CA TRP B 201 -17.96 -17.61 -16.23
C TRP B 201 -19.09 -17.53 -17.25
N VAL B 202 -19.46 -18.71 -17.73
CA VAL B 202 -20.67 -18.89 -18.53
C VAL B 202 -21.79 -19.34 -17.60
N GLU B 203 -22.94 -18.68 -17.69
CA GLU B 203 -24.11 -19.02 -16.90
C GLU B 203 -25.20 -19.46 -17.86
N LYS B 204 -25.55 -20.74 -17.82
CA LYS B 204 -26.59 -21.26 -18.68
C LYS B 204 -27.96 -21.00 -18.05
N SER B 205 -28.99 -21.03 -18.90
CA SER B 205 -30.33 -20.67 -18.46
C SER B 205 -30.85 -21.57 -17.36
N ASN B 206 -30.27 -22.76 -17.20
CA ASN B 206 -30.69 -23.70 -16.17
C ASN B 206 -29.91 -23.55 -14.86
N GLY B 207 -28.91 -22.68 -14.83
CA GLY B 207 -28.11 -22.48 -13.63
C GLY B 207 -26.73 -23.11 -13.68
N GLU B 208 -26.44 -23.95 -14.67
CA GLU B 208 -25.10 -24.48 -14.83
C GLU B 208 -24.10 -23.34 -15.05
N LYS B 209 -22.96 -23.44 -14.38
CA LYS B 209 -21.93 -22.41 -14.44
C LYS B 209 -20.59 -23.06 -14.74
N VAL B 210 -19.87 -22.51 -15.71
CA VAL B 210 -18.55 -22.98 -16.08
C VAL B 210 -17.62 -21.77 -16.09
N ALA B 211 -16.59 -21.80 -15.25
CA ALA B 211 -15.68 -20.66 -15.12
C ALA B 211 -14.52 -20.79 -16.10
N PHE B 212 -13.95 -19.63 -16.47
CA PHE B 212 -12.83 -19.62 -17.40
C PHE B 212 -11.91 -18.45 -17.09
N SER B 213 -10.65 -18.61 -17.47
CA SER B 213 -9.69 -17.51 -17.45
C SER B 213 -8.77 -17.64 -18.65
N LEU B 214 -8.86 -16.70 -19.58
CA LEU B 214 -7.93 -16.60 -20.68
C LEU B 214 -6.81 -15.64 -20.31
N ASN B 215 -5.58 -16.03 -20.63
CA ASN B 215 -4.39 -15.24 -20.34
C ASN B 215 -3.48 -15.32 -21.56
N ILE B 216 -3.15 -14.17 -22.13
CA ILE B 216 -2.38 -14.12 -23.37
C ILE B 216 -1.35 -13.00 -23.31
N GLU B 217 -0.31 -13.15 -24.12
CA GLU B 217 0.63 -12.05 -24.33
C GLU B 217 0.03 -11.10 -25.36
N MET B 218 -0.11 -9.83 -24.99
CA MET B 218 -0.61 -8.82 -25.91
C MET B 218 0.57 -8.21 -26.65
N LYS B 219 0.64 -8.42 -27.95
CA LYS B 219 1.72 -7.88 -28.76
C LYS B 219 1.24 -6.66 -29.53
N GLN B 220 2.20 -5.91 -30.06
CA GLN B 220 1.90 -4.72 -30.84
C GLN B 220 0.91 -5.03 -31.96
N GLY B 221 -0.08 -4.15 -32.12
CA GLY B 221 -1.08 -4.30 -33.15
C GLY B 221 -2.22 -5.25 -32.82
N MET B 222 -2.18 -5.90 -31.66
CA MET B 222 -3.25 -6.82 -31.28
C MET B 222 -4.40 -6.04 -30.64
N PRO B 223 -5.62 -6.16 -31.15
CA PRO B 223 -6.75 -5.47 -30.52
C PRO B 223 -7.22 -6.21 -29.28
N GLY B 224 -7.91 -5.47 -28.41
CA GLY B 224 -8.43 -6.07 -27.20
C GLY B 224 -9.45 -7.16 -27.46
N SER B 225 -10.16 -7.08 -28.57
CA SER B 225 -11.19 -8.05 -28.91
C SER B 225 -10.63 -9.46 -29.12
N ILE B 226 -9.32 -9.59 -29.37
CA ILE B 226 -8.73 -10.92 -29.53
C ILE B 226 -8.94 -11.77 -28.28
N ARG B 227 -8.96 -11.12 -27.11
CA ARG B 227 -9.21 -11.86 -25.87
C ARG B 227 -10.58 -12.52 -25.90
N ASN B 228 -11.62 -11.77 -26.25
CA ASN B 228 -12.97 -12.32 -26.32
C ASN B 228 -13.08 -13.33 -27.45
N GLU B 229 -12.43 -13.05 -28.59
CA GLU B 229 -12.52 -13.93 -29.75
CA GLU B 229 -12.55 -13.94 -29.75
C GLU B 229 -12.00 -15.33 -29.44
N ILE B 230 -10.80 -15.41 -28.86
CA ILE B 230 -10.22 -16.71 -28.54
C ILE B 230 -11.04 -17.40 -27.46
N THR B 231 -11.51 -16.65 -26.45
CA THR B 231 -12.33 -17.23 -25.41
C THR B 231 -13.56 -17.90 -25.99
N TYR B 232 -14.29 -17.18 -26.84
CA TYR B 232 -15.55 -17.70 -27.36
C TYR B 232 -15.32 -18.90 -28.29
N LYS B 233 -14.24 -18.88 -29.08
CA LYS B 233 -13.92 -20.04 -29.91
C LYS B 233 -13.63 -21.26 -29.05
N SER B 234 -12.94 -21.06 -27.93
CA SER B 234 -12.57 -22.18 -27.06
C SER B 234 -13.81 -22.73 -26.35
N LEU B 235 -14.65 -21.86 -25.81
CA LEU B 235 -15.89 -22.30 -25.18
C LEU B 235 -16.78 -23.04 -26.17
N GLU B 236 -16.84 -22.57 -27.42
CA GLU B 236 -17.62 -23.26 -28.44
C GLU B 236 -17.04 -24.62 -28.75
N ASN B 237 -15.72 -24.71 -28.87
CA ASN B 237 -15.10 -26.00 -29.18
C ASN B 237 -15.37 -27.02 -28.10
N LEU B 238 -15.43 -26.58 -26.85
CA LEU B 238 -15.70 -27.48 -25.74
C LEU B 238 -17.18 -27.79 -25.58
N GLY B 239 -18.04 -27.22 -26.43
CA GLY B 239 -19.46 -27.46 -26.35
C GLY B 239 -20.18 -26.67 -25.28
N ILE B 240 -19.48 -25.75 -24.61
CA ILE B 240 -20.07 -24.97 -23.54
C ILE B 240 -21.06 -23.95 -24.08
N ILE B 241 -20.75 -23.34 -25.22
CA ILE B 241 -21.65 -22.45 -25.91
C ILE B 241 -21.79 -22.88 -27.37
C1 GOL C . 9.22 12.17 4.08
O1 GOL C . 8.89 13.52 3.83
C2 GOL C . 8.21 11.57 5.04
O2 GOL C . 8.53 11.93 6.35
C3 GOL C . 8.20 10.05 4.93
O3 GOL C . 7.61 9.66 3.70
C1 GOL D . 10.65 10.75 -1.12
O1 GOL D . 10.47 10.77 0.28
C2 GOL D . 12.14 10.83 -1.44
O2 GOL D . 12.83 9.79 -0.77
C3 GOL D . 12.36 10.71 -2.96
O3 GOL D . 13.71 10.92 -3.33
#